data_6ZIE
#
_entry.id   6ZIE
#
_cell.length_a   69.699
_cell.length_b   69.699
_cell.length_c   261.289
_cell.angle_alpha   90
_cell.angle_beta   90
_cell.angle_gamma   120
#
_symmetry.space_group_name_H-M   'P 61 2 2'
#
loop_
_entity.id
_entity.type
_entity.pdbx_description
1 polymer CMPX-383B
2 polymer 'Induced myeloid leukemia cell differentiation protein Mcl-1'
3 non-polymer 'ZINC ION'
4 water water
#
loop_
_entity_poly.entity_id
_entity_poly.type
_entity_poly.pdbx_seq_one_letter_code
_entity_poly.pdbx_strand_id
1 'polypeptide(L)'
;GSHMSTEQIQKRTAAIQKRIAAIQKRIYAMTASGGAGAAGAGAGMSIEEITKQIAAIQLRIVGDQVQIAYQTASGAGAGA
GGMSTEEIQKQIAAIETQICKIEAAIELKEAGITSDFYFELINKAKTCEGVEALKEHILAAHT
;
A
2 'polypeptide(L)'
;GSHMGSDELYRQSLEIISRYLREQATGAKDTKPMGRSGATSRKALETLRRVGDGVQRNHETAFQGMLRKLDIKNEDDVKS
LSRVMIHVFSDGVTNWGRIVTLISFGAFVAKHLKTINQESCIEPLAESITDVLVRTKRDWLVKQRGWDGFVEFFHVEDLE
GG
;
B
#
# COMPACT_ATOMS: atom_id res chain seq x y z
N THR A 6 -1.80 5.10 23.96
CA THR A 6 -2.32 6.45 24.14
C THR A 6 -3.50 6.72 23.17
N GLU A 7 -4.35 7.69 23.53
CA GLU A 7 -5.50 8.12 22.73
C GLU A 7 -5.07 8.91 21.48
N GLN A 8 -3.83 9.47 21.47
CA GLN A 8 -3.29 10.29 20.39
C GLN A 8 -2.75 9.50 19.17
N ILE A 9 -3.06 8.21 19.05
CA ILE A 9 -2.66 7.43 17.87
C ILE A 9 -3.58 7.82 16.68
N GLN A 10 -4.88 8.07 16.98
CA GLN A 10 -5.87 8.44 15.99
C GLN A 10 -5.68 9.84 15.48
N LYS A 11 -5.24 10.78 16.34
CA LYS A 11 -5.02 12.17 15.94
C LYS A 11 -3.84 12.30 15.01
N ARG A 12 -2.72 11.63 15.31
CA ARG A 12 -1.54 11.66 14.43
C ARG A 12 -1.87 11.02 13.09
N THR A 13 -2.66 9.92 13.09
CA THR A 13 -3.11 9.24 11.88
C THR A 13 -4.06 10.14 11.07
N ALA A 14 -4.93 10.89 11.77
CA ALA A 14 -5.86 11.82 11.13
C ALA A 14 -5.09 13.00 10.54
N ALA A 15 -4.08 13.51 11.27
CA ALA A 15 -3.21 14.60 10.84
C ALA A 15 -2.43 14.21 9.59
N ILE A 16 -1.97 12.93 9.52
CA ILE A 16 -1.26 12.39 8.37
C ILE A 16 -2.14 12.48 7.12
N GLN A 17 -3.45 12.18 7.27
CA GLN A 17 -4.41 12.22 6.16
C GLN A 17 -4.61 13.62 5.60
N LYS A 18 -4.74 14.62 6.49
CA LYS A 18 -4.90 16.02 6.08
C LYS A 18 -3.65 16.52 5.37
N ARG A 19 -2.47 16.12 5.85
N ARG A 19 -2.47 16.12 5.85
CA ARG A 19 -1.20 16.51 5.25
CA ARG A 19 -1.20 16.51 5.25
C ARG A 19 -1.11 15.93 3.84
C ARG A 19 -1.09 15.93 3.84
N ILE A 20 -1.51 14.66 3.66
CA ILE A 20 -1.49 13.99 2.36
C ILE A 20 -2.41 14.72 1.38
N ALA A 21 -3.61 15.09 1.85
CA ALA A 21 -4.58 15.81 1.04
C ALA A 21 -4.03 17.16 0.60
N ALA A 22 -3.38 17.90 1.53
CA ALA A 22 -2.74 19.17 1.24
C ALA A 22 -1.58 19.05 0.24
N ILE A 23 -0.86 17.91 0.25
CA ILE A 23 0.25 17.65 -0.67
C ILE A 23 -0.30 17.42 -2.08
N GLN A 24 -1.37 16.63 -2.20
CA GLN A 24 -2.01 16.32 -3.49
C GLN A 24 -2.51 17.59 -4.18
N LYS A 25 -3.15 18.48 -3.41
CA LYS A 25 -3.67 19.74 -3.92
C LYS A 25 -2.51 20.62 -4.40
N ARG A 26 -1.43 20.67 -3.63
CA ARG A 26 -0.23 21.43 -3.94
C ARG A 26 0.47 20.92 -5.21
N ILE A 27 0.44 19.60 -5.46
CA ILE A 27 1.04 18.99 -6.65
C ILE A 27 0.18 19.32 -7.86
N TYR A 28 -1.14 19.15 -7.72
CA TYR A 28 -2.11 19.44 -8.79
C TYR A 28 -1.97 20.88 -9.30
N ALA A 29 -1.70 21.82 -8.39
CA ALA A 29 -1.53 23.22 -8.72
C ALA A 29 -0.16 23.47 -9.36
N MET A 30 0.89 22.79 -8.86
CA MET A 30 2.26 22.90 -9.35
C MET A 30 2.37 22.51 -10.82
N THR A 31 1.82 21.34 -11.21
CA THR A 31 1.84 20.83 -12.58
C THR A 31 1.20 21.83 -13.55
N ALA A 32 0.04 22.38 -13.16
CA ALA A 32 -0.68 23.37 -13.97
C ALA A 32 0.10 24.67 -14.03
N SER A 33 0.97 24.80 -15.05
CA SER A 33 1.84 25.95 -15.28
C SER A 33 2.77 26.23 -14.10
N ALA A 41 11.64 16.92 -9.80
CA ALA A 41 12.94 17.33 -10.29
C ALA A 41 14.06 16.76 -9.41
N GLY A 42 13.92 15.49 -9.03
CA GLY A 42 14.90 14.80 -8.21
C GLY A 42 15.06 13.33 -8.51
N ALA A 43 15.88 12.62 -7.70
CA ALA A 43 16.13 11.19 -7.87
C ALA A 43 15.26 10.43 -6.90
N GLY A 44 14.32 9.66 -7.44
CA GLY A 44 13.32 8.95 -6.66
C GLY A 44 12.29 9.88 -6.04
N MET A 45 12.28 11.16 -6.46
CA MET A 45 11.39 12.20 -5.95
C MET A 45 10.84 13.10 -7.06
N SER A 46 10.38 12.51 -8.16
CA SER A 46 9.72 13.25 -9.23
C SER A 46 8.19 13.28 -8.93
N ILE A 47 7.37 14.02 -9.70
CA ILE A 47 5.91 14.06 -9.48
C ILE A 47 5.29 12.67 -9.53
N GLU A 48 5.80 11.82 -10.41
CA GLU A 48 5.27 10.47 -10.60
C GLU A 48 5.49 9.61 -9.37
N GLU A 49 6.71 9.59 -8.84
CA GLU A 49 7.08 8.83 -7.66
C GLU A 49 6.35 9.26 -6.41
N ILE A 50 6.21 10.58 -6.19
CA ILE A 50 5.53 11.14 -5.03
C ILE A 50 4.08 10.65 -4.92
N THR A 51 3.38 10.59 -6.06
CA THR A 51 1.99 10.12 -6.12
C THR A 51 1.90 8.65 -5.70
N LYS A 52 2.85 7.83 -6.17
CA LYS A 52 2.89 6.42 -5.84
C LYS A 52 3.21 6.22 -4.37
N GLN A 53 4.16 7.00 -3.83
CA GLN A 53 4.59 6.95 -2.43
C GLN A 53 3.41 7.28 -1.51
N ILE A 54 2.62 8.29 -1.88
CA ILE A 54 1.43 8.71 -1.13
C ILE A 54 0.40 7.58 -1.07
N ALA A 55 0.05 7.02 -2.25
CA ALA A 55 -0.91 5.92 -2.38
C ALA A 55 -0.45 4.70 -1.58
N ALA A 56 0.86 4.43 -1.56
CA ALA A 56 1.45 3.33 -0.80
C ALA A 56 1.32 3.53 0.71
N ILE A 57 1.54 4.76 1.20
CA ILE A 57 1.40 5.08 2.62
C ILE A 57 -0.07 4.88 3.07
N GLN A 58 -1.03 5.24 2.20
CA GLN A 58 -2.45 5.08 2.47
C GLN A 58 -2.84 3.61 2.58
N LEU A 59 -2.26 2.74 1.72
CA LEU A 59 -2.52 1.30 1.80
C LEU A 59 -1.91 0.71 3.08
N ARG A 60 -0.73 1.22 3.45
CA ARG A 60 0.01 0.82 4.64
C ARG A 60 -0.77 1.18 5.92
N ILE A 61 -1.42 2.36 5.96
CA ILE A 61 -2.22 2.78 7.10
C ILE A 61 -3.39 1.80 7.29
N VAL A 62 -4.16 1.52 6.22
CA VAL A 62 -5.28 0.57 6.27
C VAL A 62 -4.78 -0.81 6.71
N GLY A 63 -3.69 -1.26 6.13
CA GLY A 63 -3.08 -2.55 6.45
C GLY A 63 -2.76 -2.73 7.92
N ASP A 64 -2.15 -1.73 8.53
CA ASP A 64 -1.82 -1.76 9.95
C ASP A 64 -3.05 -1.65 10.85
N GLN A 65 -4.11 -0.98 10.39
CA GLN A 65 -5.36 -0.91 11.15
C GLN A 65 -6.00 -2.30 11.21
N VAL A 66 -5.95 -3.06 10.09
CA VAL A 66 -6.46 -4.42 10.00
C VAL A 66 -5.59 -5.39 10.82
N GLN A 67 -4.28 -5.14 10.87
CA GLN A 67 -3.37 -5.94 11.66
C GLN A 67 -3.71 -5.81 13.14
N ILE A 68 -3.90 -4.58 13.64
CA ILE A 68 -4.25 -4.30 15.03
C ILE A 68 -5.60 -4.93 15.38
N ALA A 69 -6.58 -4.81 14.47
CA ALA A 69 -7.92 -5.34 14.69
C ALA A 69 -7.95 -6.86 14.91
N TYR A 70 -7.22 -7.62 14.09
CA TYR A 70 -7.17 -9.08 14.18
C TYR A 70 -6.13 -9.62 15.13
N GLN A 71 -5.18 -8.81 15.53
CA GLN A 71 -4.13 -9.25 16.43
C GLN A 71 -4.75 -9.46 17.79
N THR A 72 -5.70 -8.61 18.14
CA THR A 72 -6.41 -8.78 19.40
C THR A 72 -7.27 -10.01 19.30
N ALA A 73 -7.19 -10.88 20.31
CA ALA A 73 -7.94 -12.13 20.27
C ALA A 73 -7.66 -12.92 19.00
N SER A 74 -6.40 -12.99 18.61
CA SER A 74 -6.05 -13.69 17.38
C SER A 74 -6.17 -15.19 17.53
N MET A 83 3.17 -6.35 16.66
CA MET A 83 2.88 -4.93 16.67
C MET A 83 2.46 -4.47 18.06
N SER A 84 3.42 -4.15 18.89
CA SER A 84 3.18 -3.57 20.21
C SER A 84 2.83 -2.07 20.02
N THR A 85 2.44 -1.38 21.11
CA THR A 85 2.16 0.06 21.05
C THR A 85 3.42 0.83 20.60
N GLU A 86 4.63 0.35 21.02
CA GLU A 86 5.94 0.91 20.65
C GLU A 86 6.08 0.85 19.13
N GLU A 87 5.81 -0.33 18.53
CA GLU A 87 5.88 -0.54 17.08
C GLU A 87 4.90 0.32 16.32
N ILE A 88 3.70 0.58 16.89
CA ILE A 88 2.71 1.46 16.25
C ILE A 88 3.31 2.86 16.17
N GLN A 89 3.86 3.38 17.29
CA GLN A 89 4.52 4.68 17.38
C GLN A 89 5.63 4.81 16.35
N LYS A 90 6.50 3.78 16.23
CA LYS A 90 7.59 3.75 15.27
C LYS A 90 7.07 3.86 13.84
N GLN A 91 6.00 3.12 13.51
CA GLN A 91 5.40 3.12 12.18
C GLN A 91 4.73 4.44 11.84
N ILE A 92 4.08 5.09 12.83
CA ILE A 92 3.47 6.40 12.64
C ILE A 92 4.57 7.42 12.40
N ALA A 93 5.63 7.38 13.23
CA ALA A 93 6.81 8.27 13.12
C ALA A 93 7.49 8.12 11.75
N ALA A 94 7.61 6.86 11.25
CA ALA A 94 8.20 6.57 9.94
C ALA A 94 7.36 7.18 8.81
N ILE A 95 6.02 7.08 8.93
CA ILE A 95 5.09 7.65 7.95
C ILE A 95 5.21 9.18 7.95
N GLU A 96 5.27 9.77 9.14
CA GLU A 96 5.43 11.22 9.29
C GLU A 96 6.74 11.70 8.68
N THR A 97 7.86 10.99 8.94
CA THR A 97 9.17 11.36 8.38
C THR A 97 9.11 11.35 6.85
N GLN A 98 8.44 10.35 6.27
CA GLN A 98 8.30 10.21 4.83
C GLN A 98 7.46 11.34 4.24
N ILE A 99 6.39 11.74 4.94
CA ILE A 99 5.56 12.87 4.54
C ILE A 99 6.39 14.17 4.56
N CYS A 100 7.15 14.38 5.63
CA CYS A 100 8.09 15.48 5.87
C CYS A 100 9.12 15.55 4.73
N LYS A 101 9.64 14.40 4.25
CA LYS A 101 10.55 14.31 3.11
C LYS A 101 9.89 14.74 1.81
N ILE A 102 8.65 14.29 1.58
CA ILE A 102 7.89 14.61 0.37
C ILE A 102 7.63 16.10 0.32
N GLU A 103 7.22 16.68 1.43
CA GLU A 103 6.96 18.10 1.49
C GLU A 103 8.22 18.95 1.21
N ALA A 104 9.37 18.59 1.82
CA ALA A 104 10.65 19.25 1.63
C ALA A 104 11.06 19.15 0.15
N ALA A 105 10.79 18.01 -0.51
CA ALA A 105 11.11 17.83 -1.93
C ALA A 105 10.34 18.82 -2.81
N ILE A 106 9.03 19.03 -2.55
CA ILE A 106 8.22 19.99 -3.32
C ILE A 106 8.74 21.41 -3.10
N GLU A 107 9.07 21.76 -1.86
CA GLU A 107 9.62 23.07 -1.51
C GLU A 107 10.95 23.34 -2.22
N LEU A 108 11.87 22.36 -2.21
CA LEU A 108 13.16 22.48 -2.90
C LEU A 108 12.96 22.75 -4.40
N LYS A 109 12.02 22.03 -5.03
CA LYS A 109 11.71 22.18 -6.45
C LYS A 109 11.20 23.59 -6.72
N GLU A 110 10.28 24.09 -5.88
CA GLU A 110 9.72 25.43 -6.02
C GLU A 110 10.77 26.52 -5.82
N ALA A 111 11.78 26.27 -4.95
CA ALA A 111 12.86 27.22 -4.72
C ALA A 111 13.99 27.16 -5.78
N GLY A 112 13.84 26.31 -6.79
CA GLY A 112 14.81 26.19 -7.88
C GLY A 112 15.76 25.02 -7.85
N ILE A 113 15.81 24.27 -6.73
CA ILE A 113 16.71 23.12 -6.61
C ILE A 113 16.45 22.08 -7.70
N THR A 114 17.47 21.79 -8.50
CA THR A 114 17.36 20.82 -9.58
C THR A 114 18.36 19.64 -9.43
N SER A 115 19.36 19.77 -8.53
CA SER A 115 20.37 18.75 -8.27
C SER A 115 19.83 17.66 -7.36
N ASP A 116 19.95 16.40 -7.81
CA ASP A 116 19.51 15.22 -7.08
C ASP A 116 20.22 15.02 -5.75
N PHE A 117 21.43 15.56 -5.60
CA PHE A 117 22.22 15.46 -4.38
C PHE A 117 21.44 15.96 -3.14
N TYR A 118 20.78 17.13 -3.24
CA TYR A 118 20.01 17.73 -2.16
C TYR A 118 18.77 16.94 -1.79
N PHE A 119 18.08 16.39 -2.80
CA PHE A 119 16.90 15.54 -2.58
C PHE A 119 17.31 14.24 -1.87
N GLU A 120 18.48 13.69 -2.24
CA GLU A 120 19.00 12.46 -1.63
C GLU A 120 19.49 12.70 -0.20
N LEU A 121 19.99 13.91 0.10
CA LEU A 121 20.39 14.32 1.45
C LEU A 121 19.15 14.29 2.35
N ILE A 122 18.03 14.84 1.85
CA ILE A 122 16.75 14.88 2.58
C ILE A 122 16.30 13.45 2.89
N ASN A 123 16.35 12.56 1.90
CA ASN A 123 15.92 11.17 2.06
C ASN A 123 16.76 10.37 3.05
N LYS A 124 17.94 10.86 3.41
CA LYS A 124 18.75 10.18 4.42
C LYS A 124 18.37 10.53 5.86
N ALA A 125 17.50 11.54 6.07
CA ALA A 125 17.08 11.96 7.40
C ALA A 125 16.28 10.89 8.12
N LYS A 126 16.45 10.82 9.44
CA LYS A 126 15.78 9.83 10.28
C LYS A 126 14.50 10.36 10.90
N THR A 127 14.45 11.68 11.17
CA THR A 127 13.28 12.32 11.79
C THR A 127 12.76 13.50 10.96
N CYS A 128 11.54 13.97 11.25
CA CYS A 128 10.95 15.17 10.62
C CYS A 128 11.79 16.43 10.92
N GLU A 129 12.44 16.46 12.10
CA GLU A 129 13.31 17.54 12.55
C GLU A 129 14.61 17.57 11.74
N GLY A 130 15.14 16.40 11.41
CA GLY A 130 16.31 16.25 10.55
C GLY A 130 16.00 16.77 9.17
N VAL A 131 14.80 16.43 8.65
CA VAL A 131 14.29 16.89 7.35
C VAL A 131 14.23 18.41 7.35
N GLU A 132 13.60 18.98 8.38
CA GLU A 132 13.46 20.41 8.56
C GLU A 132 14.82 21.12 8.58
N ALA A 133 15.76 20.65 9.42
CA ALA A 133 17.12 21.17 9.52
C ALA A 133 17.87 21.11 8.17
N LEU A 134 17.76 19.99 7.45
CA LEU A 134 18.40 19.81 6.16
C LEU A 134 17.80 20.71 5.11
N LYS A 135 16.47 20.80 5.07
CA LYS A 135 15.77 21.62 4.11
C LYS A 135 16.09 23.09 4.34
N GLU A 136 16.16 23.52 5.62
CA GLU A 136 16.52 24.89 6.00
C GLU A 136 17.93 25.16 5.55
N HIS A 137 18.87 24.21 5.80
CA HIS A 137 20.25 24.35 5.37
C HIS A 137 20.36 24.51 3.86
N ILE A 138 19.69 23.67 3.07
CA ILE A 138 19.74 23.76 1.62
C ILE A 138 19.14 25.08 1.08
N LEU A 139 18.04 25.56 1.67
CA LEU A 139 17.44 26.81 1.25
C LEU A 139 18.32 28.01 1.62
N ALA A 140 19.00 27.94 2.77
CA ALA A 140 19.89 29.00 3.22
C ALA A 140 21.26 29.03 2.52
N ALA A 141 21.81 27.87 2.15
CA ALA A 141 23.17 27.80 1.61
C ALA A 141 23.33 27.30 0.20
N HIS A 142 22.33 26.61 -0.35
CA HIS A 142 22.49 25.98 -1.67
C HIS A 142 21.47 26.37 -2.71
N THR A 143 20.74 27.49 -2.49
CA THR A 143 19.75 28.02 -3.44
C THR A 143 20.35 29.01 -4.42
N SER B 6 8.53 -27.82 -7.86
CA SER B 6 8.62 -26.50 -8.50
C SER B 6 8.14 -25.36 -7.54
N ASP B 7 7.83 -24.16 -8.07
CA ASP B 7 7.38 -23.02 -7.23
C ASP B 7 5.92 -23.21 -6.79
N GLU B 8 5.72 -24.07 -5.79
CA GLU B 8 4.42 -24.39 -5.25
C GLU B 8 3.80 -23.23 -4.47
N LEU B 9 4.63 -22.48 -3.71
CA LEU B 9 4.13 -21.34 -2.95
C LEU B 9 3.55 -20.28 -3.88
N TYR B 10 4.22 -20.03 -5.01
CA TYR B 10 3.72 -19.09 -6.00
C TYR B 10 2.44 -19.59 -6.64
N ARG B 11 2.43 -20.86 -7.09
CA ARG B 11 1.31 -21.51 -7.76
C ARG B 11 0.05 -21.45 -6.91
N GLN B 12 0.18 -21.79 -5.61
CA GLN B 12 -0.90 -21.77 -4.63
C GLN B 12 -1.41 -20.36 -4.38
N SER B 13 -0.48 -19.40 -4.21
CA SER B 13 -0.84 -18.01 -3.95
C SER B 13 -1.57 -17.41 -5.14
N LEU B 14 -1.13 -17.73 -6.36
CA LEU B 14 -1.78 -17.23 -7.56
C LEU B 14 -3.18 -17.80 -7.71
N GLU B 15 -3.37 -19.07 -7.33
CA GLU B 15 -4.67 -19.72 -7.41
C GLU B 15 -5.68 -19.07 -6.46
N ILE B 16 -5.30 -18.88 -5.18
CA ILE B 16 -6.16 -18.25 -4.17
C ILE B 16 -6.53 -16.81 -4.57
N ILE B 17 -5.52 -15.99 -4.90
CA ILE B 17 -5.72 -14.59 -5.27
C ILE B 17 -6.53 -14.44 -6.55
N SER B 18 -6.22 -15.27 -7.56
CA SER B 18 -6.94 -15.24 -8.83
C SER B 18 -8.41 -15.60 -8.68
N ARG B 19 -8.71 -16.61 -7.84
CA ARG B 19 -10.09 -17.03 -7.60
C ARG B 19 -10.86 -15.93 -6.90
N TYR B 20 -10.32 -15.40 -5.79
CA TYR B 20 -10.95 -14.34 -5.02
C TYR B 20 -11.24 -13.12 -5.85
N LEU B 21 -10.27 -12.68 -6.66
CA LEU B 21 -10.45 -11.49 -7.50
C LEU B 21 -11.52 -11.68 -8.56
N ARG B 22 -11.50 -12.80 -9.26
CA ARG B 22 -12.44 -13.07 -10.34
C ARG B 22 -13.88 -13.32 -9.85
N GLU B 23 -14.03 -13.94 -8.68
CA GLU B 23 -15.37 -14.16 -8.15
C GLU B 23 -15.96 -12.87 -7.57
N GLN B 24 -15.12 -11.96 -7.04
CA GLN B 24 -15.57 -10.65 -6.56
C GLN B 24 -15.98 -9.77 -7.74
N ALA B 25 -15.31 -9.93 -8.90
CA ALA B 25 -15.61 -9.18 -10.11
C ALA B 25 -16.90 -9.66 -10.81
N THR B 26 -17.08 -10.98 -10.99
CA THR B 26 -18.23 -11.58 -11.69
C THR B 26 -19.42 -11.98 -10.80
N GLY B 27 -19.22 -12.01 -9.48
CA GLY B 27 -20.24 -12.42 -8.53
C GLY B 27 -20.55 -13.90 -8.55
N ALA B 28 -19.64 -14.73 -9.10
CA ALA B 28 -19.88 -16.17 -9.21
C ALA B 28 -18.72 -16.99 -8.68
N LYS B 29 -19.02 -18.06 -7.94
CA LYS B 29 -18.00 -18.94 -7.40
C LYS B 29 -17.57 -19.95 -8.45
N ASP B 30 -16.28 -20.01 -8.77
CA ASP B 30 -15.77 -20.96 -9.76
C ASP B 30 -15.77 -22.37 -9.21
N THR B 31 -16.63 -23.23 -9.78
CA THR B 31 -16.73 -24.62 -9.34
C THR B 31 -15.61 -25.45 -9.95
N LYS B 32 -14.41 -25.35 -9.37
CA LYS B 32 -13.23 -26.07 -9.84
C LYS B 32 -12.43 -26.55 -8.65
N PRO B 33 -11.98 -27.81 -8.65
CA PRO B 33 -11.21 -28.32 -7.50
C PRO B 33 -9.79 -27.74 -7.42
N MET B 34 -9.24 -27.64 -6.20
CA MET B 34 -7.91 -27.11 -5.98
C MET B 34 -6.82 -28.11 -6.43
N SER B 37 -1.64 -29.29 -1.53
CA SER B 37 -2.04 -28.17 -0.68
C SER B 37 -3.53 -27.84 -0.89
N GLY B 38 -4.35 -28.89 -0.95
CA GLY B 38 -5.79 -28.77 -1.20
C GLY B 38 -6.65 -28.14 -0.11
N ALA B 39 -6.63 -28.72 1.10
CA ALA B 39 -7.46 -28.25 2.21
C ALA B 39 -7.14 -26.82 2.65
N THR B 40 -5.85 -26.47 2.70
CA THR B 40 -5.37 -25.15 3.09
C THR B 40 -5.77 -24.07 2.12
N SER B 41 -5.75 -24.36 0.83
CA SER B 41 -6.14 -23.38 -0.18
C SER B 41 -7.63 -23.04 -0.09
N ARG B 42 -8.46 -24.01 0.29
CA ARG B 42 -9.89 -23.83 0.48
C ARG B 42 -10.13 -23.00 1.75
N LYS B 43 -9.40 -23.34 2.82
CA LYS B 43 -9.46 -22.62 4.09
C LYS B 43 -8.94 -21.18 3.96
N ALA B 44 -7.94 -20.96 3.08
CA ALA B 44 -7.36 -19.64 2.85
C ALA B 44 -8.29 -18.79 2.02
N LEU B 45 -8.86 -19.33 0.93
CA LEU B 45 -9.81 -18.57 0.10
C LEU B 45 -11.05 -18.21 0.92
N GLU B 46 -11.47 -19.10 1.83
CA GLU B 46 -12.60 -18.88 2.72
C GLU B 46 -12.30 -17.78 3.71
N THR B 47 -11.12 -17.82 4.36
CA THR B 47 -10.69 -16.78 5.29
C THR B 47 -10.62 -15.43 4.58
N LEU B 48 -10.10 -15.44 3.34
CA LEU B 48 -9.99 -14.27 2.49
C LEU B 48 -11.37 -13.69 2.15
N ARG B 49 -12.37 -14.55 1.88
CA ARG B 49 -13.73 -14.09 1.60
C ARG B 49 -14.30 -13.31 2.80
N ARG B 50 -14.17 -13.86 4.02
CA ARG B 50 -14.65 -13.23 5.24
C ARG B 50 -13.89 -11.93 5.56
N VAL B 51 -12.55 -12.01 5.61
CA VAL B 51 -11.69 -10.88 5.95
C VAL B 51 -11.71 -9.78 4.90
N GLY B 52 -11.55 -10.15 3.64
CA GLY B 52 -11.57 -9.22 2.51
C GLY B 52 -12.87 -8.48 2.36
N ASP B 53 -13.98 -9.13 2.76
CA ASP B 53 -15.32 -8.55 2.71
C ASP B 53 -15.38 -7.37 3.68
N GLY B 54 -14.95 -7.61 4.91
CA GLY B 54 -14.94 -6.59 5.96
C GLY B 54 -14.03 -5.42 5.64
N VAL B 55 -12.83 -5.70 5.08
CA VAL B 55 -11.87 -4.66 4.71
C VAL B 55 -12.42 -3.71 3.65
N GLN B 56 -13.00 -4.26 2.57
CA GLN B 56 -13.57 -3.44 1.50
C GLN B 56 -14.72 -2.56 1.95
N ARG B 57 -15.53 -3.03 2.92
CA ARG B 57 -16.66 -2.24 3.43
C ARG B 57 -16.18 -1.13 4.34
N ASN B 58 -15.40 -1.50 5.37
CA ASN B 58 -14.89 -0.60 6.39
C ASN B 58 -14.04 0.52 5.79
N HIS B 59 -13.18 0.19 4.83
CA HIS B 59 -12.30 1.16 4.23
C HIS B 59 -12.64 1.51 2.79
N GLU B 60 -13.92 1.45 2.44
CA GLU B 60 -14.41 1.77 1.09
C GLU B 60 -14.07 3.18 0.62
N THR B 61 -14.20 4.19 1.50
CA THR B 61 -13.91 5.59 1.13
C THR B 61 -12.42 5.79 0.82
N ALA B 62 -11.56 5.13 1.59
CA ALA B 62 -10.12 5.22 1.35
C ALA B 62 -9.79 4.55 0.01
N PHE B 63 -10.40 3.39 -0.27
CA PHE B 63 -10.20 2.63 -1.51
C PHE B 63 -10.68 3.40 -2.72
N GLN B 64 -11.88 3.98 -2.64
CA GLN B 64 -12.49 4.77 -3.71
C GLN B 64 -11.64 5.99 -4.03
N GLY B 65 -11.11 6.64 -3.00
CA GLY B 65 -10.24 7.80 -3.15
C GLY B 65 -8.94 7.44 -3.83
N MET B 66 -8.34 6.28 -3.46
CA MET B 66 -7.09 5.81 -4.06
C MET B 66 -7.28 5.51 -5.55
N LEU B 67 -8.38 4.85 -5.91
CA LEU B 67 -8.70 4.47 -7.28
C LEU B 67 -8.89 5.68 -8.16
N ARG B 68 -9.56 6.72 -7.65
CA ARG B 68 -9.77 7.96 -8.39
C ARG B 68 -8.47 8.70 -8.73
N LYS B 69 -7.45 8.54 -7.88
CA LYS B 69 -6.13 9.14 -8.12
C LYS B 69 -5.34 8.36 -9.19
N LEU B 70 -5.72 7.11 -9.49
CA LEU B 70 -5.07 6.30 -10.52
C LEU B 70 -5.73 6.54 -11.88
N ASP B 71 -7.06 6.71 -11.89
CA ASP B 71 -7.81 6.95 -13.12
C ASP B 71 -7.46 8.29 -13.72
N ILE B 72 -7.22 9.33 -12.88
CA ILE B 72 -6.88 10.69 -13.30
C ILE B 72 -5.78 10.71 -14.39
N LYS B 73 -4.87 9.73 -14.37
CA LYS B 73 -3.87 9.57 -15.40
C LYS B 73 -4.37 8.43 -16.27
N ASN B 74 -4.88 8.76 -17.46
CA ASN B 74 -5.47 7.77 -18.38
C ASN B 74 -4.46 6.68 -18.72
N GLU B 75 -4.61 5.54 -18.07
CA GLU B 75 -3.70 4.42 -18.18
C GLU B 75 -4.38 3.14 -17.69
N ASP B 76 -3.78 1.97 -18.00
CA ASP B 76 -4.27 0.68 -17.52
C ASP B 76 -4.06 0.69 -16.01
N ASP B 77 -5.18 0.68 -15.27
CA ASP B 77 -5.23 0.76 -13.82
C ASP B 77 -4.34 -0.25 -13.10
N VAL B 78 -4.12 -1.42 -13.70
CA VAL B 78 -3.30 -2.49 -13.15
C VAL B 78 -1.82 -2.10 -13.15
N LYS B 79 -1.38 -1.47 -14.24
CA LYS B 79 0.01 -1.01 -14.35
C LYS B 79 0.29 0.05 -13.30
N SER B 80 -0.66 0.99 -13.11
CA SER B 80 -0.59 2.05 -12.10
C SER B 80 -0.56 1.46 -10.68
N LEU B 81 -1.41 0.46 -10.42
CA LEU B 81 -1.50 -0.17 -9.11
C LEU B 81 -0.27 -0.98 -8.74
N SER B 82 0.30 -1.75 -9.69
CA SER B 82 1.51 -2.54 -9.47
C SER B 82 2.66 -1.65 -8.96
N ARG B 83 2.78 -0.46 -9.58
CA ARG B 83 3.75 0.58 -9.22
C ARG B 83 3.58 1.07 -7.78
N VAL B 84 2.33 1.06 -7.25
CA VAL B 84 2.02 1.47 -5.87
C VAL B 84 2.33 0.35 -4.87
N MET B 85 1.88 -0.88 -5.17
CA MET B 85 2.06 -2.05 -4.30
C MET B 85 3.51 -2.35 -3.96
N ILE B 86 4.42 -2.05 -4.89
CA ILE B 86 5.85 -2.29 -4.74
C ILE B 86 6.56 -1.28 -3.78
N HIS B 87 5.82 -0.27 -3.28
CA HIS B 87 6.33 0.69 -2.31
C HIS B 87 5.72 0.52 -0.90
N VAL B 88 4.73 -0.38 -0.73
CA VAL B 88 4.01 -0.60 0.53
C VAL B 88 4.87 -1.15 1.68
N PHE B 89 5.75 -2.09 1.39
CA PHE B 89 6.61 -2.70 2.39
C PHE B 89 7.98 -2.03 2.53
N SER B 90 8.22 -0.90 1.82
CA SER B 90 9.48 -0.17 1.81
C SER B 90 9.90 0.42 3.17
N ASP B 91 9.03 0.32 4.18
CA ASP B 91 9.40 0.74 5.53
C ASP B 91 10.08 -0.41 6.35
N GLY B 92 10.18 -1.62 5.76
CA GLY B 92 10.76 -2.81 6.39
C GLY B 92 9.80 -3.65 7.21
N VAL B 93 8.52 -3.28 7.24
CA VAL B 93 7.52 -4.01 8.03
C VAL B 93 6.63 -4.90 7.16
N THR B 94 6.41 -6.14 7.59
CA THR B 94 5.52 -7.05 6.88
C THR B 94 4.60 -7.68 7.88
N ASN B 95 3.31 -7.75 7.55
CA ASN B 95 2.32 -8.39 8.39
C ASN B 95 1.13 -8.85 7.55
N TRP B 96 0.27 -9.70 8.14
CA TRP B 96 -0.89 -10.23 7.46
C TRP B 96 -1.95 -9.20 7.14
N GLY B 97 -2.08 -8.15 7.96
CA GLY B 97 -3.04 -7.08 7.71
C GLY B 97 -2.75 -6.32 6.44
N ARG B 98 -1.47 -5.98 6.22
CA ARG B 98 -1.04 -5.30 5.00
C ARG B 98 -1.26 -6.22 3.79
N ILE B 99 -0.99 -7.51 3.95
CA ILE B 99 -1.16 -8.52 2.90
C ILE B 99 -2.65 -8.65 2.49
N VAL B 100 -3.58 -8.78 3.47
CA VAL B 100 -5.01 -8.83 3.12
C VAL B 100 -5.49 -7.56 2.49
N THR B 101 -4.92 -6.41 2.89
CA THR B 101 -5.31 -5.12 2.34
C THR B 101 -4.93 -5.02 0.88
N LEU B 102 -3.74 -5.53 0.50
CA LEU B 102 -3.32 -5.50 -0.89
C LEU B 102 -4.27 -6.32 -1.78
N ILE B 103 -4.62 -7.53 -1.33
CA ILE B 103 -5.54 -8.43 -2.03
C ILE B 103 -6.96 -7.86 -2.03
N SER B 104 -7.39 -7.24 -0.92
CA SER B 104 -8.71 -6.61 -0.80
C SER B 104 -8.83 -5.43 -1.75
N PHE B 105 -7.77 -4.62 -1.84
CA PHE B 105 -7.75 -3.49 -2.76
C PHE B 105 -7.72 -3.97 -4.21
N GLY B 106 -7.03 -5.09 -4.45
CA GLY B 106 -6.98 -5.74 -5.75
C GLY B 106 -8.37 -6.19 -6.16
N ALA B 107 -9.15 -6.74 -5.20
CA ALA B 107 -10.54 -7.18 -5.44
C ALA B 107 -11.44 -5.97 -5.71
N PHE B 108 -11.20 -4.86 -5.01
CA PHE B 108 -11.94 -3.61 -5.22
C PHE B 108 -11.67 -3.11 -6.64
N VAL B 109 -10.39 -3.13 -7.06
CA VAL B 109 -9.97 -2.68 -8.38
C VAL B 109 -10.53 -3.62 -9.47
N ALA B 110 -10.56 -4.93 -9.19
CA ALA B 110 -11.10 -5.96 -10.10
C ALA B 110 -12.58 -5.70 -10.40
N LYS B 111 -13.33 -5.17 -9.43
CA LYS B 111 -14.74 -4.83 -9.64
C LYS B 111 -14.87 -3.63 -10.56
N HIS B 112 -14.00 -2.63 -10.39
CA HIS B 112 -13.95 -1.45 -11.25
C HIS B 112 -13.58 -1.85 -12.68
N LEU B 113 -12.64 -2.80 -12.82
CA LEU B 113 -12.23 -3.35 -14.12
C LEU B 113 -13.43 -4.06 -14.78
N LYS B 114 -14.25 -4.74 -13.99
CA LYS B 114 -15.46 -5.41 -14.48
C LYS B 114 -16.51 -4.37 -14.90
N THR B 115 -16.59 -3.22 -14.22
CA THR B 115 -17.54 -2.16 -14.54
C THR B 115 -17.21 -1.50 -15.88
N ILE B 116 -15.93 -1.19 -16.11
CA ILE B 116 -15.48 -0.53 -17.34
C ILE B 116 -15.17 -1.49 -18.51
N ASN B 117 -15.57 -2.76 -18.40
CA ASN B 117 -15.35 -3.77 -19.44
C ASN B 117 -13.85 -4.05 -19.73
N GLN B 118 -13.05 -4.22 -18.67
CA GLN B 118 -11.63 -4.49 -18.77
C GLN B 118 -11.26 -5.71 -17.89
N GLU B 119 -12.10 -6.75 -17.91
CA GLU B 119 -11.89 -8.00 -17.15
C GLU B 119 -10.68 -8.82 -17.62
N SER B 120 -10.14 -8.52 -18.82
CA SER B 120 -8.95 -9.23 -19.31
C SER B 120 -7.74 -8.87 -18.47
N CYS B 121 -7.66 -7.62 -17.99
CA CYS B 121 -6.56 -7.17 -17.16
C CYS B 121 -6.68 -7.65 -15.68
N ILE B 122 -7.66 -8.52 -15.36
CA ILE B 122 -7.83 -9.07 -14.00
C ILE B 122 -6.78 -10.16 -13.70
N GLU B 123 -6.52 -11.07 -14.66
CA GLU B 123 -5.49 -12.10 -14.51
C GLU B 123 -4.11 -11.45 -14.24
N PRO B 124 -3.65 -10.48 -15.08
CA PRO B 124 -2.40 -9.78 -14.78
C PRO B 124 -2.38 -9.11 -13.42
N LEU B 125 -3.53 -8.58 -12.95
CA LEU B 125 -3.62 -7.94 -11.64
C LEU B 125 -3.27 -8.94 -10.53
N ALA B 126 -3.93 -10.09 -10.53
CA ALA B 126 -3.70 -11.16 -9.54
C ALA B 126 -2.26 -11.65 -9.58
N GLU B 127 -1.68 -11.72 -10.79
CA GLU B 127 -0.32 -12.15 -11.00
C GLU B 127 0.69 -11.11 -10.49
N SER B 128 0.42 -9.82 -10.72
CA SER B 128 1.26 -8.71 -10.24
C SER B 128 1.26 -8.65 -8.71
N ILE B 129 0.10 -8.89 -8.09
CA ILE B 129 -0.03 -8.91 -6.63
C ILE B 129 0.73 -10.12 -6.07
N THR B 130 0.59 -11.28 -6.73
CA THR B 130 1.28 -12.50 -6.33
C THR B 130 2.81 -12.32 -6.45
N ASP B 131 3.25 -11.59 -7.48
CA ASP B 131 4.66 -11.28 -7.71
C ASP B 131 5.21 -10.45 -6.55
N VAL B 132 4.42 -9.47 -6.07
CA VAL B 132 4.84 -8.64 -4.96
C VAL B 132 4.89 -9.45 -3.68
N LEU B 133 3.86 -10.25 -3.38
CA LEU B 133 3.85 -11.02 -2.14
C LEU B 133 4.88 -12.16 -2.09
N VAL B 134 4.84 -13.04 -3.08
CA VAL B 134 5.71 -14.21 -3.12
C VAL B 134 7.16 -13.93 -3.50
N ARG B 135 7.41 -13.23 -4.61
CA ARG B 135 8.78 -12.99 -5.07
C ARG B 135 9.53 -11.89 -4.30
N THR B 136 8.84 -11.14 -3.45
CA THR B 136 9.44 -10.06 -2.66
C THR B 136 9.40 -10.41 -1.15
N LYS B 137 8.44 -11.25 -0.70
CA LYS B 137 8.35 -11.61 0.72
C LYS B 137 8.37 -13.11 0.95
N ARG B 138 9.05 -13.87 0.07
CA ARG B 138 9.14 -15.33 0.19
C ARG B 138 9.67 -15.78 1.55
N ASP B 139 10.81 -15.21 1.99
CA ASP B 139 11.43 -15.54 3.28
C ASP B 139 10.47 -15.33 4.44
N TRP B 140 9.71 -14.23 4.41
CA TRP B 140 8.75 -13.92 5.46
C TRP B 140 7.60 -14.93 5.45
N LEU B 141 7.02 -15.19 4.26
CA LEU B 141 5.91 -16.13 4.11
C LEU B 141 6.31 -17.53 4.56
N VAL B 142 7.50 -18.00 4.21
CA VAL B 142 7.99 -19.32 4.61
C VAL B 142 8.10 -19.44 6.14
N LYS B 143 8.65 -18.41 6.80
CA LYS B 143 8.77 -18.40 8.26
C LYS B 143 7.40 -18.44 8.94
N GLN B 144 6.39 -17.82 8.32
CA GLN B 144 5.04 -17.76 8.84
C GLN B 144 4.17 -18.97 8.45
N ARG B 145 4.73 -20.01 7.80
CA ARG B 145 4.04 -21.24 7.37
C ARG B 145 3.11 -21.02 6.15
N GLY B 146 3.44 -20.04 5.32
CA GLY B 146 2.69 -19.67 4.13
C GLY B 146 1.23 -19.34 4.39
N TRP B 147 0.34 -19.89 3.56
CA TRP B 147 -1.10 -19.71 3.68
C TRP B 147 -1.71 -20.39 4.91
N ASP B 148 -0.98 -21.30 5.55
CA ASP B 148 -1.45 -21.92 6.77
C ASP B 148 -1.35 -20.94 7.96
N GLY B 149 -0.33 -20.10 7.95
CA GLY B 149 -0.19 -19.03 8.95
C GLY B 149 -1.21 -17.93 8.72
N PHE B 150 -1.66 -17.77 7.47
CA PHE B 150 -2.67 -16.82 7.06
C PHE B 150 -3.99 -17.18 7.75
N VAL B 151 -4.48 -18.43 7.59
CA VAL B 151 -5.75 -18.88 8.17
C VAL B 151 -5.74 -18.84 9.71
N GLU B 152 -4.61 -19.20 10.32
CA GLU B 152 -4.45 -19.26 11.76
C GLU B 152 -4.40 -17.88 12.41
N PHE B 153 -3.88 -16.88 11.70
CA PHE B 153 -3.80 -15.52 12.22
C PHE B 153 -5.20 -14.88 12.32
N PHE B 154 -6.03 -15.09 11.30
CA PHE B 154 -7.35 -14.47 11.22
C PHE B 154 -8.46 -15.25 11.97
N HIS B 155 -8.18 -16.47 12.42
CA HIS B 155 -9.19 -17.25 13.14
C HIS B 155 -8.65 -17.89 14.42
N VAL B 156 -9.24 -17.55 15.57
CA VAL B 156 -8.82 -18.11 16.85
C VAL B 156 -9.48 -19.49 17.06
N GLU B 157 -8.75 -20.43 17.66
CA GLU B 157 -9.27 -21.75 17.93
C GLU B 157 -9.02 -22.17 19.39
#